data_3DO9
#
_entry.id   3DO9
#
_cell.length_a   127.742
_cell.length_b   127.742
_cell.length_c   196.068
_cell.angle_alpha   90.00
_cell.angle_beta   90.00
_cell.angle_gamma   120.00
#
_symmetry.space_group_name_H-M   'P 65 2 2'
#
loop_
_entity.id
_entity.type
_entity.pdbx_description
1 polymer 'UPF0302 protein BA_1542/GBAA1542/BAS1430'
2 water water
#
_entity_poly.entity_id   1
_entity_poly.type   'polypeptide(L)'
_entity_poly.pdbx_seq_one_letter_code
;MSLNTPVSVNEKKDFVKWFLNNYQLKQRECVWILNYLMSHDQLMHKVHFVEHAKYCPRGLVMSANCVKDTPFHFFKQNVM
TTDAEKSFHDIRLNRDEDIYIQLNFKSSFQNANYVAVLEENPYLPKHIEVNEKDRLLAERFLEESVFSFRRERLLKQIDE
ALDKQDKEAFHRLTAELKMLEGHHHHHH
;
_entity_poly.pdbx_strand_id   A,B,C
#
# COMPACT_ATOMS: atom_id res chain seq x y z
N PRO A 6 13.60 -12.73 -9.18
CA PRO A 6 12.48 -11.92 -9.66
C PRO A 6 12.04 -10.90 -8.60
N VAL A 7 10.85 -11.10 -8.04
CA VAL A 7 10.20 -10.06 -7.23
C VAL A 7 10.27 -10.37 -5.73
N SER A 8 10.58 -9.35 -4.94
CA SER A 8 10.72 -9.47 -3.48
C SER A 8 9.53 -8.89 -2.71
N VAL A 9 9.54 -9.11 -1.39
CA VAL A 9 8.43 -8.73 -0.49
C VAL A 9 8.36 -7.23 -0.22
N ASN A 10 9.52 -6.63 0.08
CA ASN A 10 9.63 -5.19 0.35
C ASN A 10 9.28 -4.35 -0.88
N GLU A 11 9.57 -4.91 -2.05
CA GLU A 11 9.21 -4.32 -3.34
C GLU A 11 7.69 -4.22 -3.50
N LYS A 12 6.98 -5.26 -3.06
CA LYS A 12 5.52 -5.30 -3.10
C LYS A 12 4.91 -4.40 -2.02
N LYS A 13 5.47 -4.47 -0.81
CA LYS A 13 5.05 -3.66 0.34
C LYS A 13 5.12 -2.16 0.05
N ASP A 14 6.25 -1.74 -0.51
CA ASP A 14 6.48 -0.33 -0.83
C ASP A 14 5.67 0.12 -2.05
N PHE A 15 5.37 -0.82 -2.94
CA PHE A 15 4.51 -0.53 -4.10
C PHE A 15 3.09 -0.17 -3.66
N VAL A 16 2.53 -0.97 -2.75
CA VAL A 16 1.19 -0.72 -2.21
C VAL A 16 1.17 0.59 -1.41
N LYS A 17 2.25 0.82 -0.65
CA LYS A 17 2.47 2.07 0.09
C LYS A 17 2.52 3.28 -0.85
N TRP A 18 3.17 3.11 -2.00
CA TRP A 18 3.21 4.15 -3.03
C TRP A 18 1.85 4.35 -3.69
N PHE A 19 1.23 3.25 -4.10
CA PHE A 19 -0.03 3.25 -4.85
C PHE A 19 -1.17 3.94 -4.09
N LEU A 20 -1.28 3.64 -2.80
CA LEU A 20 -2.34 4.20 -1.95
C LEU A 20 -2.13 5.69 -1.64
N ASN A 21 -0.88 6.13 -1.68
CA ASN A 21 -0.53 7.52 -1.41
C ASN A 21 -0.64 8.43 -2.63
N ASN A 22 -0.85 7.82 -3.80
CA ASN A 22 -0.91 8.56 -5.06
C ASN A 22 -2.24 8.45 -5.79
N TYR A 23 -2.98 7.36 -5.52
CA TYR A 23 -4.23 7.08 -6.21
C TYR A 23 -5.37 6.81 -5.24
N GLN A 24 -6.56 7.29 -5.60
CA GLN A 24 -7.76 7.12 -4.77
C GLN A 24 -8.65 6.02 -5.32
N LEU A 25 -8.78 4.93 -4.58
CA LEU A 25 -9.62 3.79 -4.97
C LEU A 25 -11.11 4.13 -4.89
N LYS A 26 -11.88 3.55 -5.79
CA LYS A 26 -13.33 3.78 -5.89
C LYS A 26 -14.09 3.29 -4.65
N GLN A 27 -13.71 2.12 -4.16
CA GLN A 27 -14.33 1.55 -2.98
C GLN A 27 -13.36 1.57 -1.80
N ARG A 28 -13.86 2.03 -0.66
CA ARG A 28 -13.04 2.30 0.53
C ARG A 28 -12.47 1.06 1.21
N GLU A 29 -13.22 -0.04 1.13
CA GLU A 29 -12.80 -1.31 1.76
C GLU A 29 -11.67 -2.01 1.02
N CYS A 30 -11.42 -1.60 -0.22
CA CYS A 30 -10.30 -2.07 -1.03
C CYS A 30 -8.96 -1.51 -0.52
N VAL A 31 -9.02 -0.30 0.05
CA VAL A 31 -7.89 0.33 0.73
C VAL A 31 -7.54 -0.49 1.98
N TRP A 32 -8.58 -0.92 2.70
CA TRP A 32 -8.43 -1.70 3.93
C TRP A 32 -8.00 -3.14 3.66
N ILE A 33 -8.36 -3.67 2.49
CA ILE A 33 -7.85 -4.96 2.03
C ILE A 33 -6.35 -4.87 1.78
N LEU A 34 -5.93 -3.80 1.09
CA LEU A 34 -4.52 -3.55 0.77
C LEU A 34 -3.66 -3.24 1.99
N ASN A 35 -4.22 -2.47 2.94
CA ASN A 35 -3.55 -2.15 4.20
C ASN A 35 -3.38 -3.36 5.11
N TYR A 36 -4.36 -4.28 5.04
CA TYR A 36 -4.31 -5.56 5.73
C TYR A 36 -3.18 -6.42 5.18
N LEU A 37 -3.08 -6.46 3.84
CA LEU A 37 -2.06 -7.25 3.16
C LEU A 37 -0.66 -6.69 3.36
N MET A 38 -0.56 -5.37 3.45
CA MET A 38 0.71 -4.69 3.77
C MET A 38 1.22 -5.01 5.17
N SER A 39 0.29 -5.18 6.10
CA SER A 39 0.62 -5.48 7.49
C SER A 39 1.08 -6.91 7.69
N HIS A 40 0.63 -7.81 6.82
CA HIS A 40 0.95 -9.23 6.92
C HIS A 40 2.00 -9.63 5.89
N ASP A 41 3.23 -9.80 6.36
CA ASP A 41 4.38 -10.04 5.47
C ASP A 41 4.47 -11.44 4.85
N GLN A 42 3.80 -12.43 5.44
CA GLN A 42 3.70 -13.74 4.80
C GLN A 42 2.40 -13.94 4.01
N LEU A 43 1.60 -12.88 3.93
CA LEU A 43 0.58 -12.77 2.90
C LEU A 43 1.22 -12.21 1.65
N MET A 44 2.14 -11.26 1.83
CA MET A 44 2.86 -10.59 0.74
C MET A 44 3.81 -11.49 -0.05
N HIS A 45 4.21 -12.60 0.57
CA HIS A 45 4.91 -13.68 -0.13
C HIS A 45 3.99 -14.27 -1.20
N LYS A 46 2.74 -14.52 -0.78
CA LYS A 46 1.74 -15.17 -1.62
C LYS A 46 0.97 -14.18 -2.50
N VAL A 47 1.14 -12.88 -2.24
CA VAL A 47 0.54 -11.83 -3.06
C VAL A 47 1.30 -11.67 -4.38
N HIS A 48 0.57 -11.73 -5.50
CA HIS A 48 1.15 -11.54 -6.82
C HIS A 48 0.42 -10.46 -7.59
N PHE A 49 1.18 -9.49 -8.10
CA PHE A 49 0.61 -8.43 -8.93
C PHE A 49 0.60 -8.85 -10.40
N VAL A 50 -0.58 -8.76 -11.00
CA VAL A 50 -0.91 -9.54 -12.19
C VAL A 50 -1.83 -8.73 -13.13
N GLU A 51 -1.75 -9.00 -14.43
N GLU A 51 -1.72 -8.99 -14.44
CA GLU A 51 -2.76 -8.50 -15.38
CA GLU A 51 -2.42 -8.19 -15.44
C GLU A 51 -3.70 -9.62 -15.81
C GLU A 51 -3.92 -8.47 -15.60
N HIS A 52 -5.00 -9.35 -15.76
N HIS A 52 -4.34 -9.73 -15.53
CA HIS A 52 -6.02 -10.36 -16.03
CA HIS A 52 -5.74 -10.04 -15.84
C HIS A 52 -6.09 -11.34 -14.87
C HIS A 52 -6.58 -10.64 -14.70
N ALA A 53 -6.52 -10.85 -13.71
N ALA A 53 -5.95 -11.43 -13.82
CA ALA A 53 -6.59 -11.66 -12.50
CA ALA A 53 -6.53 -11.74 -12.51
C ALA A 53 -7.88 -12.49 -12.39
C ALA A 53 -7.84 -12.55 -12.44
N LYS A 54 -8.73 -12.38 -13.41
CA LYS A 54 -10.03 -13.09 -13.44
C LYS A 54 -9.89 -14.59 -13.70
N TYR A 55 -8.75 -14.99 -14.27
CA TYR A 55 -8.43 -16.38 -14.56
C TYR A 55 -7.85 -17.10 -13.34
N CYS A 56 -7.52 -16.35 -12.30
CA CYS A 56 -6.80 -16.86 -11.14
C CYS A 56 -7.72 -17.48 -10.09
N PRO A 57 -7.28 -18.59 -9.44
CA PRO A 57 -7.92 -19.27 -8.31
C PRO A 57 -8.34 -18.38 -7.15
N ARG A 58 -7.59 -17.30 -6.90
CA ARG A 58 -7.97 -16.31 -5.90
C ARG A 58 -7.63 -14.91 -6.41
N GLY A 59 -8.44 -14.44 -7.37
CA GLY A 59 -8.17 -13.19 -8.07
C GLY A 59 -8.87 -11.97 -7.52
N LEU A 60 -8.13 -10.88 -7.43
CA LEU A 60 -8.63 -9.63 -6.86
C LEU A 60 -8.49 -8.51 -7.89
N VAL A 61 -9.63 -7.88 -8.23
CA VAL A 61 -9.64 -6.77 -9.19
C VAL A 61 -10.11 -5.50 -8.49
N MET A 62 -9.26 -4.47 -8.50
CA MET A 62 -9.56 -3.21 -7.82
C MET A 62 -9.23 -2.00 -8.68
N SER A 63 -10.08 -0.97 -8.60
CA SER A 63 -9.98 0.18 -9.50
C SER A 63 -9.94 1.52 -8.78
N ALA A 64 -9.06 2.40 -9.25
CA ALA A 64 -9.01 3.78 -8.79
C ALA A 64 -10.09 4.61 -9.47
N ASN A 65 -10.41 5.78 -8.90
CA ASN A 65 -11.51 6.61 -9.38
C ASN A 65 -11.30 7.38 -10.70
N CYS A 66 -10.09 7.28 -11.25
CA CYS A 66 -9.76 7.88 -12.54
C CYS A 66 -10.35 7.09 -13.71
N VAL A 67 -9.94 5.84 -13.86
CA VAL A 67 -10.46 4.97 -14.92
C VAL A 67 -11.82 4.44 -14.51
N LYS A 68 -12.70 4.23 -15.49
CA LYS A 68 -14.09 3.85 -15.26
C LYS A 68 -14.33 2.34 -15.14
N ASP A 69 -13.30 1.59 -14.73
CA ASP A 69 -13.44 0.17 -14.45
C ASP A 69 -14.19 -0.03 -13.13
N THR A 70 -14.82 -1.20 -12.98
CA THR A 70 -15.61 -1.55 -11.80
C THR A 70 -14.74 -1.60 -10.53
N PRO A 71 -15.24 -1.03 -9.41
CA PRO A 71 -14.49 -0.86 -8.16
C PRO A 71 -13.89 -2.13 -7.56
N PHE A 72 -14.66 -3.22 -7.50
CA PHE A 72 -14.19 -4.45 -6.86
C PHE A 72 -14.73 -5.73 -7.52
N HIS A 73 -13.84 -6.71 -7.63
CA HIS A 73 -14.20 -8.08 -7.99
C HIS A 73 -13.32 -9.10 -7.29
N PHE A 74 -13.92 -10.14 -6.73
CA PHE A 74 -13.17 -11.24 -6.13
C PHE A 74 -13.48 -12.56 -6.85
N PHE A 75 -12.44 -13.14 -7.44
CA PHE A 75 -12.58 -14.35 -8.23
C PHE A 75 -12.01 -15.58 -7.51
N LYS A 76 -12.85 -16.22 -6.69
CA LYS A 76 -12.52 -17.54 -6.16
C LYS A 76 -12.82 -18.60 -7.23
N GLN A 77 -12.43 -19.84 -6.94
CA GLN A 77 -12.50 -20.95 -7.91
C GLN A 77 -13.88 -21.22 -8.52
N ASN A 78 -14.95 -20.98 -7.75
CA ASN A 78 -16.30 -21.20 -8.23
C ASN A 78 -17.21 -19.97 -8.28
N VAL A 79 -16.86 -18.93 -7.52
CA VAL A 79 -17.70 -17.73 -7.42
C VAL A 79 -16.98 -16.46 -7.90
N MET A 80 -17.75 -15.53 -8.47
CA MET A 80 -17.26 -14.19 -8.78
C MET A 80 -18.07 -13.12 -8.02
N THR A 81 -17.68 -12.89 -6.78
CA THR A 81 -18.38 -11.95 -5.89
C THR A 81 -17.94 -10.51 -6.05
N THR A 82 -18.88 -9.58 -5.85
CA THR A 82 -18.62 -8.14 -5.95
C THR A 82 -18.59 -7.46 -4.58
N ASP A 83 -19.07 -8.18 -3.55
CA ASP A 83 -19.10 -7.66 -2.18
C ASP A 83 -17.71 -7.73 -1.56
N ALA A 84 -17.15 -6.56 -1.25
CA ALA A 84 -15.80 -6.46 -0.72
C ALA A 84 -15.68 -6.84 0.75
N GLU A 85 -16.76 -6.63 1.50
CA GLU A 85 -16.80 -6.93 2.93
C GLU A 85 -16.78 -8.42 3.24
N LYS A 86 -17.53 -9.20 2.46
CA LYS A 86 -17.54 -10.65 2.60
C LYS A 86 -16.22 -11.24 2.11
N SER A 87 -15.68 -10.67 1.03
CA SER A 87 -14.40 -11.08 0.47
C SER A 87 -13.23 -10.77 1.41
N PHE A 88 -13.31 -9.65 2.11
CA PHE A 88 -12.32 -9.26 3.11
C PHE A 88 -12.40 -10.17 4.33
N HIS A 89 -13.63 -10.54 4.72
CA HIS A 89 -13.88 -11.48 5.80
C HIS A 89 -13.38 -12.89 5.45
N ASP A 90 -13.37 -13.21 4.16
CA ASP A 90 -12.92 -14.51 3.72
CA ASP A 90 -12.94 -14.50 3.62
C ASP A 90 -11.40 -14.63 3.56
N ILE A 91 -10.76 -13.60 2.99
CA ILE A 91 -9.29 -13.59 2.85
C ILE A 91 -8.57 -13.43 4.20
N ARG A 92 -9.32 -12.91 5.17
CA ARG A 92 -8.93 -12.83 6.58
C ARG A 92 -8.59 -14.21 7.13
N LEU A 93 -9.44 -15.18 6.81
CA LEU A 93 -9.36 -16.54 7.36
C LEU A 93 -8.65 -17.52 6.44
N ASN A 94 -8.74 -17.28 5.13
CA ASN A 94 -8.37 -18.28 4.13
C ASN A 94 -6.86 -18.37 3.95
N ARG A 95 -6.19 -17.23 4.08
CA ARG A 95 -4.77 -17.23 4.46
C ARG A 95 -3.91 -17.90 3.41
N ASP A 96 -3.71 -19.21 3.57
CA ASP A 96 -2.47 -19.84 3.16
C ASP A 96 -2.43 -20.09 1.65
N GLU A 97 -3.38 -19.50 0.95
CA GLU A 97 -3.40 -19.56 -0.52
C GLU A 97 -2.81 -18.29 -1.14
N ASP A 98 -2.36 -18.40 -2.39
CA ASP A 98 -1.87 -17.27 -3.16
C ASP A 98 -3.02 -16.34 -3.55
N ILE A 99 -2.79 -15.03 -3.43
CA ILE A 99 -3.75 -14.02 -3.89
C ILE A 99 -3.18 -13.29 -5.09
N TYR A 100 -4.01 -13.08 -6.11
CA TYR A 100 -3.60 -12.41 -7.34
C TYR A 100 -4.35 -11.09 -7.52
N ILE A 101 -3.64 -9.99 -7.36
CA ILE A 101 -4.24 -8.65 -7.40
C ILE A 101 -3.90 -7.89 -8.68
N GLN A 102 -4.92 -7.34 -9.33
CA GLN A 102 -4.71 -6.34 -10.37
C GLN A 102 -5.22 -4.98 -9.93
N LEU A 103 -4.56 -3.93 -10.42
CA LEU A 103 -4.96 -2.56 -10.11
C LEU A 103 -5.27 -1.78 -11.38
N ASN A 104 -6.42 -1.10 -11.38
CA ASN A 104 -6.84 -0.29 -12.51
C ASN A 104 -6.70 1.20 -12.22
N PHE A 105 -5.56 1.77 -12.62
CA PHE A 105 -5.28 3.20 -12.43
C PHE A 105 -4.78 3.86 -13.72
N LYS A 106 -4.94 5.17 -13.83
CA LYS A 106 -4.94 5.84 -15.11
C LYS A 106 -3.61 5.63 -15.84
N SER A 107 -2.51 5.86 -15.13
CA SER A 107 -1.20 5.99 -15.78
C SER A 107 -0.51 4.63 -15.87
N SER A 108 -0.83 3.74 -14.94
CA SER A 108 -0.40 2.35 -15.02
C SER A 108 0.99 2.24 -15.63
N PHE A 109 1.05 2.03 -16.94
CA PHE A 109 2.28 1.63 -17.60
C PHE A 109 3.16 2.83 -17.91
N GLN A 110 2.91 3.94 -17.22
CA GLN A 110 3.84 5.06 -17.18
C GLN A 110 4.82 4.90 -16.02
N ASN A 111 4.44 4.13 -15.01
CA ASN A 111 5.22 4.00 -13.79
C ASN A 111 6.05 2.72 -13.74
N ALA A 112 7.37 2.89 -13.73
CA ALA A 112 8.34 1.78 -13.80
C ALA A 112 8.23 0.77 -12.66
N ASN A 113 7.91 1.25 -11.47
CA ASN A 113 7.70 0.41 -10.29
C ASN A 113 6.50 -0.53 -10.36
N TYR A 114 5.42 -0.07 -10.99
CA TYR A 114 4.25 -0.92 -11.23
C TYR A 114 4.55 -2.01 -12.25
N VAL A 115 5.33 -1.66 -13.27
CA VAL A 115 5.74 -2.64 -14.28
C VAL A 115 6.76 -3.63 -13.71
N ALA A 116 7.59 -3.15 -12.77
CA ALA A 116 8.55 -4.00 -12.07
C ALA A 116 7.89 -4.98 -11.10
N VAL A 117 6.77 -4.57 -10.50
CA VAL A 117 6.07 -5.40 -9.52
C VAL A 117 5.16 -6.45 -10.17
N LEU A 118 4.89 -6.29 -11.47
CA LEU A 118 4.07 -7.23 -12.24
C LEU A 118 4.76 -8.58 -12.43
N GLU A 119 3.95 -9.64 -12.39
CA GLU A 119 4.45 -11.02 -12.48
C GLU A 119 3.75 -11.81 -13.57
N GLU A 120 4.37 -12.92 -13.97
CA GLU A 120 3.79 -13.85 -14.93
C GLU A 120 2.57 -14.56 -14.36
N ASN A 121 1.41 -14.27 -14.96
CA ASN A 121 0.14 -14.91 -14.61
C ASN A 121 0.00 -16.20 -15.42
N PRO A 122 0.09 -17.37 -14.73
CA PRO A 122 0.09 -18.66 -15.40
C PRO A 122 -1.30 -19.31 -15.55
N TYR A 123 -2.32 -18.48 -15.72
CA TYR A 123 -3.70 -18.96 -15.92
C TYR A 123 -4.32 -18.37 -17.18
N LEU A 124 -3.53 -17.58 -17.91
CA LEU A 124 -3.81 -17.31 -19.31
C LEU A 124 -3.78 -18.59 -20.14
N PRO A 125 -4.77 -18.75 -21.01
CA PRO A 125 -5.04 -20.03 -21.66
C PRO A 125 -4.50 -20.07 -23.08
N LYS A 126 -4.98 -19.16 -23.92
CA LYS A 126 -4.96 -19.37 -25.36
C LYS A 126 -4.27 -18.21 -26.08
N HIS A 127 -5.05 -17.21 -26.49
CA HIS A 127 -5.06 -15.92 -25.82
C HIS A 127 -3.65 -15.38 -25.66
N ILE A 128 -2.79 -16.14 -24.99
CA ILE A 128 -1.42 -15.74 -24.77
C ILE A 128 -0.76 -15.25 -26.06
N GLU A 129 -0.45 -16.19 -26.94
CA GLU A 129 -0.18 -15.87 -28.34
C GLU A 129 0.81 -14.71 -28.45
N VAL A 130 1.39 -14.32 -27.32
CA VAL A 130 2.56 -13.48 -27.31
C VAL A 130 3.52 -14.20 -26.39
N ASN A 131 4.46 -14.97 -26.96
CA ASN A 131 5.49 -15.57 -26.11
C ASN A 131 6.72 -14.65 -25.92
N GLU A 132 6.47 -13.36 -26.11
CA GLU A 132 7.39 -12.28 -25.77
C GLU A 132 6.64 -11.19 -25.00
N LYS A 133 5.66 -11.61 -24.20
CA LYS A 133 4.90 -10.68 -23.33
C LYS A 133 5.78 -10.16 -22.20
N ASP A 134 6.85 -10.90 -21.91
CA ASP A 134 7.95 -10.45 -21.06
C ASP A 134 8.68 -9.27 -21.69
N ARG A 135 8.80 -9.29 -23.02
CA ARG A 135 9.50 -8.23 -23.76
C ARG A 135 8.59 -7.14 -24.34
N LEU A 136 7.28 -7.35 -24.31
CA LEU A 136 6.35 -6.27 -24.70
C LEU A 136 5.34 -5.87 -23.63
N LEU A 137 5.76 -5.99 -22.37
CA LEU A 137 5.25 -5.13 -21.31
C LEU A 137 5.97 -3.81 -21.54
N ALA A 138 7.24 -3.95 -21.93
CA ALA A 138 8.14 -2.86 -22.32
C ALA A 138 7.60 -1.92 -23.38
N GLU A 139 7.07 -2.51 -24.47
CA GLU A 139 6.50 -1.78 -25.59
C GLU A 139 5.42 -0.78 -25.14
N ARG A 140 4.51 -1.27 -24.29
CA ARG A 140 3.40 -0.47 -23.79
C ARG A 140 3.83 0.48 -22.69
N PHE A 141 4.89 0.10 -21.95
CA PHE A 141 5.49 0.97 -20.92
C PHE A 141 6.12 2.19 -21.57
N LEU A 142 6.91 1.93 -22.62
CA LEU A 142 7.52 2.97 -23.45
C LEU A 142 6.48 3.91 -24.02
N GLU A 143 5.50 3.33 -24.72
CA GLU A 143 4.40 4.05 -25.35
C GLU A 143 3.66 4.96 -24.37
N GLU A 144 3.40 4.46 -23.17
CA GLU A 144 2.72 5.22 -22.13
C GLU A 144 3.56 6.32 -21.48
N SER A 145 4.83 6.02 -21.20
CA SER A 145 5.76 6.98 -20.60
C SER A 145 6.09 8.12 -21.58
N VAL A 146 6.18 7.78 -22.86
CA VAL A 146 6.36 8.77 -23.94
C VAL A 146 5.08 9.60 -24.14
N PHE A 147 3.94 8.91 -24.21
CA PHE A 147 2.62 9.57 -24.37
C PHE A 147 2.36 10.57 -23.26
N SER A 148 2.49 10.10 -22.01
CA SER A 148 2.23 10.91 -20.82
C SER A 148 3.16 12.09 -20.73
N PHE A 149 4.46 11.88 -21.01
CA PHE A 149 5.44 12.97 -20.98
C PHE A 149 5.08 14.07 -21.97
N ARG A 150 4.86 13.70 -23.23
CA ARG A 150 4.50 14.64 -24.29
C ARG A 150 3.23 15.41 -23.93
N ARG A 151 2.26 14.70 -23.34
CA ARG A 151 1.03 15.29 -22.84
C ARG A 151 1.26 16.23 -21.65
N GLU A 152 2.11 15.81 -20.70
CA GLU A 152 2.50 16.63 -19.55
C GLU A 152 3.27 17.86 -19.99
N ARG A 153 4.11 17.67 -21.02
CA ARG A 153 4.86 18.75 -21.65
C ARG A 153 3.91 19.73 -22.34
N LEU A 154 3.00 19.20 -23.16
CA LEU A 154 1.99 20.01 -23.86
C LEU A 154 1.11 20.82 -22.90
N LEU A 155 0.56 20.14 -21.89
CA LEU A 155 -0.34 20.77 -20.90
C LEU A 155 0.33 21.84 -20.04
N LYS A 156 1.65 21.75 -19.90
CA LYS A 156 2.43 22.77 -19.21
C LYS A 156 2.49 24.06 -20.03
N GLN A 157 2.77 23.92 -21.33
CA GLN A 157 2.96 25.05 -22.23
C GLN A 157 1.69 25.83 -22.54
N ILE A 158 0.54 25.13 -22.56
CA ILE A 158 -0.78 25.73 -22.75
C ILE A 158 -1.08 26.74 -21.64
N ASP A 159 -0.77 26.34 -20.40
CA ASP A 159 -0.96 27.17 -19.22
C ASP A 159 0.02 28.36 -19.19
N GLU A 160 1.22 28.15 -19.75
CA GLU A 160 2.21 29.22 -19.91
C GLU A 160 1.80 30.20 -21.00
N ALA A 161 1.11 29.69 -22.02
CA ALA A 161 0.61 30.50 -23.13
C ALA A 161 -0.60 31.32 -22.70
N LEU A 162 -1.43 30.73 -21.83
CA LEU A 162 -2.57 31.42 -21.24
C LEU A 162 -2.12 32.49 -20.24
N ASP A 163 -0.97 32.26 -19.63
CA ASP A 163 -0.33 33.21 -18.74
C ASP A 163 0.15 34.47 -19.48
N LYS A 164 0.71 34.27 -20.66
CA LYS A 164 1.32 35.35 -21.44
C LYS A 164 0.41 35.92 -22.53
N GLN A 165 -0.85 35.47 -22.52
CA GLN A 165 -1.91 35.87 -23.48
C GLN A 165 -1.56 35.56 -24.95
N ASP A 166 -0.71 34.55 -25.12
CA ASP A 166 -0.28 34.11 -26.44
C ASP A 166 -1.38 33.23 -27.05
N LYS A 167 -2.32 33.89 -27.73
CA LYS A 167 -3.49 33.25 -28.34
C LYS A 167 -3.07 32.35 -29.50
N GLU A 168 -2.00 32.79 -30.18
CA GLU A 168 -1.22 31.96 -31.11
C GLU A 168 -1.00 30.54 -30.60
N ALA A 169 -0.14 30.41 -29.59
CA ALA A 169 0.31 29.12 -29.07
C ALA A 169 -0.81 28.29 -28.48
N PHE A 170 -1.75 28.93 -27.77
CA PHE A 170 -2.90 28.23 -27.18
C PHE A 170 -3.57 27.32 -28.19
N HIS A 171 -3.98 27.88 -29.32
CA HIS A 171 -4.65 27.14 -30.39
C HIS A 171 -3.72 26.21 -31.16
N ARG A 172 -2.43 26.55 -31.20
CA ARG A 172 -1.43 25.64 -31.77
C ARG A 172 -1.33 24.40 -30.89
N LEU A 173 -1.10 24.61 -29.59
CA LEU A 173 -0.86 23.53 -28.62
C LEU A 173 -2.11 22.71 -28.26
N THR A 174 -3.29 23.33 -28.29
CA THR A 174 -4.55 22.62 -28.04
C THR A 174 -4.80 21.61 -29.16
N ALA A 175 -4.61 22.06 -30.40
CA ALA A 175 -4.74 21.19 -31.57
C ALA A 175 -3.57 20.19 -31.70
N GLU A 176 -2.43 20.55 -31.13
CA GLU A 176 -1.26 19.64 -31.07
C GLU A 176 -1.53 18.45 -30.17
N LEU A 177 -2.15 18.70 -29.02
CA LEU A 177 -2.45 17.66 -28.04
C LEU A 177 -3.63 16.80 -28.48
N LYS A 178 -4.53 17.38 -29.27
CA LYS A 178 -5.69 16.68 -29.84
C LYS A 178 -5.24 15.55 -30.79
N MET A 179 -4.12 15.79 -31.48
CA MET A 179 -3.51 14.83 -32.39
C MET A 179 -2.96 13.60 -31.65
N LEU A 180 -2.44 13.81 -30.44
CA LEU A 180 -1.72 12.78 -29.68
C LEU A 180 -2.55 11.56 -29.25
N GLU A 181 -3.71 11.81 -28.65
CA GLU A 181 -4.56 10.72 -28.16
CA GLU A 181 -4.63 10.79 -28.14
C GLU A 181 -5.30 9.98 -29.27
N GLY A 182 -5.26 10.52 -30.49
CA GLY A 182 -5.82 9.86 -31.67
C GLY A 182 -5.16 8.54 -32.04
N HIS A 183 -3.96 8.32 -31.51
CA HIS A 183 -3.23 7.06 -31.71
C HIS A 183 -2.76 6.46 -30.38
N HIS A 184 -3.55 6.70 -29.33
CA HIS A 184 -3.23 6.25 -27.97
C HIS A 184 -3.45 4.74 -27.79
N THR B 5 -15.98 40.68 4.36
CA THR B 5 -16.11 42.17 4.07
C THR B 5 -16.83 42.34 2.67
N PRO B 6 -16.40 43.30 1.81
CA PRO B 6 -16.50 42.93 0.40
C PRO B 6 -15.22 42.26 -0.12
N VAL B 7 -15.22 41.82 -1.37
CA VAL B 7 -14.17 40.95 -1.90
C VAL B 7 -13.22 41.66 -2.88
N SER B 8 -11.92 41.43 -2.71
CA SER B 8 -10.89 42.02 -3.57
C SER B 8 -10.46 41.11 -4.73
N VAL B 9 -9.69 41.69 -5.66
CA VAL B 9 -9.28 41.04 -6.91
C VAL B 9 -8.23 39.95 -6.69
N ASN B 10 -7.21 40.28 -5.88
CA ASN B 10 -6.12 39.35 -5.55
C ASN B 10 -6.61 38.13 -4.77
N GLU B 11 -7.65 38.34 -3.94
CA GLU B 11 -8.31 37.29 -3.18
C GLU B 11 -8.99 36.29 -4.12
N LYS B 12 -9.54 36.79 -5.22
CA LYS B 12 -10.17 35.96 -6.24
C LYS B 12 -9.14 35.21 -7.08
N LYS B 13 -8.09 35.94 -7.51
CA LYS B 13 -7.00 35.38 -8.32
C LYS B 13 -6.29 34.21 -7.63
N ASP B 14 -5.98 34.41 -6.34
CA ASP B 14 -5.29 33.42 -5.53
C ASP B 14 -6.19 32.22 -5.22
N PHE B 15 -7.50 32.46 -5.14
CA PHE B 15 -8.47 31.39 -4.94
C PHE B 15 -8.55 30.46 -6.16
N VAL B 16 -8.48 31.02 -7.36
CA VAL B 16 -8.49 30.22 -8.59
C VAL B 16 -7.19 29.43 -8.72
N LYS B 17 -6.09 30.02 -8.25
CA LYS B 17 -4.77 29.40 -8.28
C LYS B 17 -4.69 28.11 -7.47
N TRP B 18 -5.05 28.18 -6.17
CA TRP B 18 -4.97 27.01 -5.29
C TRP B 18 -5.99 25.93 -5.66
N PHE B 19 -7.13 26.34 -6.21
CA PHE B 19 -8.22 25.44 -6.56
C PHE B 19 -7.83 24.51 -7.71
N LEU B 20 -7.12 25.07 -8.69
CA LEU B 20 -6.59 24.30 -9.81
C LEU B 20 -5.37 23.48 -9.40
N ASN B 21 -4.70 23.93 -8.33
CA ASN B 21 -3.52 23.26 -7.80
C ASN B 21 -3.86 22.16 -6.78
N ASN B 22 -5.13 22.09 -6.37
CA ASN B 22 -5.57 21.09 -5.39
C ASN B 22 -6.70 20.19 -5.89
N TYR B 23 -7.47 20.66 -6.86
CA TYR B 23 -8.62 19.92 -7.37
C TYR B 23 -8.56 19.70 -8.89
N GLN B 24 -8.93 18.49 -9.31
CA GLN B 24 -8.95 18.12 -10.72
C GLN B 24 -10.37 18.23 -11.28
N LEU B 25 -10.55 19.13 -12.24
CA LEU B 25 -11.85 19.34 -12.88
C LEU B 25 -12.19 18.20 -13.83
N LYS B 26 -13.49 17.94 -14.00
CA LYS B 26 -13.99 16.90 -14.89
C LYS B 26 -13.72 17.23 -16.35
N GLN B 27 -13.97 18.48 -16.73
CA GLN B 27 -13.76 18.93 -18.10
C GLN B 27 -12.51 19.82 -18.18
N ARG B 28 -11.68 19.52 -19.19
CA ARG B 28 -10.35 20.10 -19.34
C ARG B 28 -10.37 21.56 -19.81
N GLU B 29 -11.42 21.93 -20.54
CA GLU B 29 -11.55 23.30 -21.05
C GLU B 29 -11.99 24.29 -19.98
N CYS B 30 -12.53 23.78 -18.87
CA CYS B 30 -12.92 24.58 -17.72
C CYS B 30 -11.71 25.08 -16.94
N VAL B 31 -10.62 24.30 -16.99
CA VAL B 31 -9.32 24.72 -16.48
C VAL B 31 -8.83 25.91 -17.29
N TRP B 32 -8.99 25.83 -18.61
CA TRP B 32 -8.55 26.87 -19.53
C TRP B 32 -9.42 28.12 -19.47
N ILE B 33 -10.70 27.94 -19.14
CA ILE B 33 -11.62 29.06 -18.89
C ILE B 33 -11.16 29.84 -17.65
N LEU B 34 -10.83 29.10 -16.58
CA LEU B 34 -10.32 29.69 -15.33
C LEU B 34 -8.95 30.34 -15.47
N ASN B 35 -8.07 29.69 -16.23
CA ASN B 35 -6.73 30.20 -16.51
C ASN B 35 -6.76 31.48 -17.34
N TYR B 36 -7.74 31.55 -18.25
CA TYR B 36 -8.03 32.75 -19.04
C TYR B 36 -8.49 33.88 -18.12
N LEU B 37 -9.38 33.55 -17.19
CA LEU B 37 -9.96 34.54 -16.28
C LEU B 37 -8.96 35.05 -15.24
N MET B 38 -8.02 34.19 -14.85
CA MET B 38 -6.91 34.59 -13.96
C MET B 38 -5.94 35.54 -14.63
N SER B 39 -5.73 35.36 -15.93
CA SER B 39 -4.83 36.18 -16.73
C SER B 39 -5.38 37.59 -16.93
N HIS B 40 -6.70 37.71 -16.92
CA HIS B 40 -7.37 38.99 -17.14
C HIS B 40 -7.91 39.53 -15.82
N ASP B 41 -7.16 40.45 -15.23
CA ASP B 41 -7.56 41.11 -13.98
C ASP B 41 -8.67 42.14 -14.17
N GLN B 42 -8.94 42.49 -15.42
CA GLN B 42 -10.09 43.33 -15.77
C GLN B 42 -11.37 42.50 -15.65
N LEU B 43 -11.27 41.20 -15.96
CA LEU B 43 -12.38 40.26 -15.83
C LEU B 43 -12.67 39.90 -14.37
N MET B 44 -11.61 39.80 -13.56
CA MET B 44 -11.71 39.42 -12.15
C MET B 44 -12.39 40.46 -11.25
N HIS B 45 -12.54 41.68 -11.76
CA HIS B 45 -13.40 42.69 -11.15
C HIS B 45 -14.86 42.25 -11.23
N LYS B 46 -15.22 41.70 -12.39
CA LYS B 46 -16.59 41.36 -12.73
C LYS B 46 -16.95 39.91 -12.40
N VAL B 47 -15.93 39.08 -12.15
CA VAL B 47 -16.11 37.68 -11.75
C VAL B 47 -16.60 37.62 -10.30
N HIS B 48 -17.74 36.96 -10.10
CA HIS B 48 -18.28 36.74 -8.76
C HIS B 48 -18.41 35.26 -8.46
N PHE B 49 -17.97 34.87 -7.26
CA PHE B 49 -18.09 33.48 -6.83
C PHE B 49 -19.34 33.27 -6.00
N VAL B 50 -20.15 32.33 -6.46
CA VAL B 50 -21.56 32.22 -6.08
C VAL B 50 -21.87 30.75 -5.84
N GLU B 51 -22.84 30.45 -4.97
CA GLU B 51 -23.23 29.06 -4.73
C GLU B 51 -24.10 28.46 -5.84
N HIS B 52 -25.14 29.18 -6.26
CA HIS B 52 -26.01 28.72 -7.35
C HIS B 52 -26.06 29.75 -8.47
N ALA B 53 -25.32 29.48 -9.54
CA ALA B 53 -25.11 30.43 -10.62
C ALA B 53 -26.11 30.31 -11.78
N LYS B 54 -27.04 29.37 -11.68
CA LYS B 54 -28.03 29.15 -12.75
C LYS B 54 -29.09 30.23 -12.84
N TYR B 55 -29.20 31.04 -11.78
CA TYR B 55 -30.17 32.13 -11.68
C TYR B 55 -29.63 33.42 -12.30
N CYS B 56 -28.36 33.38 -12.72
CA CYS B 56 -27.63 34.59 -13.11
C CYS B 56 -27.65 34.87 -14.61
N PRO B 57 -27.68 36.16 -15.00
CA PRO B 57 -27.44 36.70 -16.35
C PRO B 57 -26.31 36.01 -17.11
N ARG B 58 -25.16 35.81 -16.46
CA ARG B 58 -24.03 35.15 -17.08
C ARG B 58 -23.41 34.14 -16.12
N GLY B 59 -24.13 33.05 -15.90
CA GLY B 59 -23.75 32.05 -14.90
C GLY B 59 -22.90 30.91 -15.43
N LEU B 60 -21.76 30.70 -14.78
CA LEU B 60 -20.81 29.65 -15.12
C LEU B 60 -20.85 28.58 -14.04
N VAL B 61 -21.04 27.32 -14.45
CA VAL B 61 -21.11 26.20 -13.51
C VAL B 61 -20.08 25.14 -13.86
N MET B 62 -19.19 24.83 -12.92
CA MET B 62 -18.11 23.87 -13.15
C MET B 62 -17.93 22.89 -11.99
N SER B 63 -17.48 21.68 -12.32
CA SER B 63 -17.39 20.61 -11.32
C SER B 63 -16.08 19.84 -11.37
N ALA B 64 -15.58 19.50 -10.18
CA ALA B 64 -14.40 18.66 -10.04
C ALA B 64 -14.77 17.19 -10.14
N ASN B 65 -13.76 16.32 -10.26
CA ASN B 65 -13.98 14.88 -10.50
C ASN B 65 -14.23 14.02 -9.25
N CYS B 66 -14.51 14.67 -8.14
CA CYS B 66 -14.82 14.00 -6.88
C CYS B 66 -16.33 13.85 -6.67
N VAL B 67 -17.05 14.97 -6.60
CA VAL B 67 -18.50 14.96 -6.51
C VAL B 67 -19.08 14.66 -7.89
N LYS B 68 -20.21 13.96 -7.91
CA LYS B 68 -20.84 13.52 -9.16
C LYS B 68 -21.75 14.56 -9.83
N ASP B 69 -21.46 15.84 -9.61
CA ASP B 69 -22.12 16.93 -10.32
C ASP B 69 -21.56 16.99 -11.74
N THR B 70 -22.40 17.43 -12.67
CA THR B 70 -22.06 17.49 -14.09
C THR B 70 -20.96 18.51 -14.40
N PRO B 71 -19.98 18.13 -15.26
CA PRO B 71 -18.80 18.92 -15.65
C PRO B 71 -19.01 20.42 -15.88
N PHE B 72 -19.77 20.79 -16.92
CA PHE B 72 -19.88 22.19 -17.32
C PHE B 72 -21.28 22.65 -17.72
N HIS B 73 -21.63 23.86 -17.29
CA HIS B 73 -22.79 24.61 -17.81
C HIS B 73 -22.50 26.11 -17.95
N PHE B 74 -23.19 26.74 -18.89
CA PHE B 74 -23.14 28.19 -19.05
C PHE B 74 -24.54 28.75 -19.29
N PHE B 75 -24.91 29.73 -18.46
CA PHE B 75 -26.24 30.30 -18.50
C PHE B 75 -26.23 31.76 -18.93
N LYS B 76 -26.48 32.00 -20.21
CA LYS B 76 -26.79 33.34 -20.68
C LYS B 76 -28.26 33.64 -20.42
N GLN B 77 -28.66 34.89 -20.63
CA GLN B 77 -30.01 35.38 -20.32
C GLN B 77 -31.17 34.58 -20.93
N ASN B 78 -30.95 34.02 -22.12
CA ASN B 78 -31.95 33.20 -22.78
C ASN B 78 -31.50 31.75 -22.99
N VAL B 79 -30.19 31.57 -23.18
CA VAL B 79 -29.65 30.26 -23.53
C VAL B 79 -28.87 29.64 -22.37
N MET B 80 -29.09 28.34 -22.20
CA MET B 80 -28.30 27.52 -21.29
C MET B 80 -27.46 26.61 -22.18
N THR B 81 -26.14 26.70 -22.08
CA THR B 81 -25.27 25.87 -22.93
C THR B 81 -24.37 24.94 -22.11
N THR B 82 -24.03 23.79 -22.70
CA THR B 82 -23.13 22.84 -22.07
C THR B 82 -21.80 22.77 -22.81
N ASP B 83 -21.77 23.32 -24.02
CA ASP B 83 -20.57 23.29 -24.84
C ASP B 83 -19.59 24.33 -24.32
N ALA B 84 -18.51 23.84 -23.70
CA ALA B 84 -17.52 24.71 -23.07
C ALA B 84 -16.72 25.54 -24.06
N GLU B 85 -16.47 24.98 -25.24
CA GLU B 85 -15.72 25.65 -26.30
C GLU B 85 -16.44 26.87 -26.86
N LYS B 86 -17.74 26.72 -27.12
CA LYS B 86 -18.57 27.82 -27.61
C LYS B 86 -18.81 28.85 -26.51
N SER B 87 -18.90 28.37 -25.26
CA SER B 87 -19.03 29.23 -24.09
C SER B 87 -17.72 29.94 -23.76
N PHE B 88 -16.60 29.29 -24.06
CA PHE B 88 -15.27 29.91 -23.96
C PHE B 88 -15.22 31.03 -24.98
N HIS B 89 -15.46 30.69 -26.25
CA HIS B 89 -15.48 31.64 -27.37
C HIS B 89 -16.48 32.78 -27.16
N ASP B 90 -17.58 32.49 -26.45
CA ASP B 90 -18.55 33.49 -26.02
C ASP B 90 -17.93 34.51 -25.05
N ILE B 91 -17.40 34.02 -23.94
CA ILE B 91 -16.85 34.89 -22.87
C ILE B 91 -15.53 35.57 -23.25
N ARG B 92 -14.89 35.09 -24.33
CA ARG B 92 -13.73 35.75 -24.94
C ARG B 92 -14.13 37.13 -25.45
N LEU B 93 -15.27 37.18 -26.14
CA LEU B 93 -15.70 38.41 -26.79
C LEU B 93 -16.70 39.17 -25.92
N ASN B 94 -17.71 38.46 -25.43
CA ASN B 94 -18.63 39.01 -24.44
C ASN B 94 -17.91 39.46 -23.16
N ARG B 95 -17.35 40.67 -23.20
CA ARG B 95 -16.70 41.25 -22.04
C ARG B 95 -17.37 42.54 -21.61
N ASP B 96 -17.44 42.77 -20.30
CA ASP B 96 -18.48 43.61 -19.71
C ASP B 96 -19.87 43.08 -20.04
N GLU B 97 -20.13 41.84 -19.62
CA GLU B 97 -21.12 41.58 -18.58
C GLU B 97 -20.52 40.71 -17.48
N ASP B 98 -20.77 41.10 -16.23
CA ASP B 98 -20.31 40.33 -15.08
C ASP B 98 -20.47 38.83 -15.32
N ILE B 99 -19.56 38.04 -14.74
CA ILE B 99 -19.66 36.58 -14.80
C ILE B 99 -19.86 36.04 -13.38
N TYR B 100 -20.72 35.04 -13.25
CA TYR B 100 -21.00 34.40 -11.97
C TYR B 100 -20.59 32.93 -12.01
N ILE B 101 -19.55 32.56 -11.26
CA ILE B 101 -19.02 31.21 -11.27
C ILE B 101 -19.35 30.43 -10.00
N GLN B 102 -19.78 29.18 -10.16
CA GLN B 102 -19.84 28.22 -9.05
C GLN B 102 -18.96 27.00 -9.30
N LEU B 103 -18.37 26.49 -8.23
CA LEU B 103 -17.49 25.32 -8.29
C LEU B 103 -18.01 24.19 -7.42
N ASN B 104 -17.99 22.97 -7.96
CA ASN B 104 -18.43 21.78 -7.23
C ASN B 104 -17.27 20.84 -6.92
N PHE B 105 -16.75 20.95 -5.71
CA PHE B 105 -15.63 20.12 -5.25
C PHE B 105 -15.90 19.54 -3.85
N LYS B 106 -15.30 18.39 -3.56
CA LYS B 106 -15.69 17.50 -2.44
C LYS B 106 -15.89 18.17 -1.08
N SER B 107 -14.84 18.84 -0.60
CA SER B 107 -14.86 19.46 0.72
C SER B 107 -15.72 20.72 0.75
N SER B 108 -15.54 21.58 -0.26
CA SER B 108 -16.23 22.88 -0.39
C SER B 108 -16.16 23.75 0.87
N PHE B 109 -17.14 23.58 1.74
CA PHE B 109 -17.25 24.35 2.99
C PHE B 109 -16.32 23.87 4.11
N GLN B 110 -15.25 23.17 3.74
CA GLN B 110 -14.17 22.82 4.66
C GLN B 110 -13.04 23.84 4.50
N ASN B 111 -13.08 24.57 3.38
CA ASN B 111 -12.03 25.52 3.03
C ASN B 111 -12.46 26.98 3.24
N ALA B 112 -11.75 27.65 4.15
CA ALA B 112 -12.09 29.02 4.58
C ALA B 112 -12.04 30.05 3.47
N ASN B 113 -11.01 29.93 2.64
CA ASN B 113 -10.79 30.81 1.49
C ASN B 113 -11.87 30.72 0.41
N TYR B 114 -12.49 29.55 0.26
CA TYR B 114 -13.64 29.38 -0.63
C TYR B 114 -14.88 30.06 -0.05
N VAL B 115 -15.06 29.93 1.27
CA VAL B 115 -16.17 30.57 1.99
C VAL B 115 -15.98 32.09 2.01
N ALA B 116 -14.73 32.53 2.10
CA ALA B 116 -14.39 33.95 2.08
C ALA B 116 -14.58 34.59 0.71
N VAL B 117 -14.35 33.82 -0.35
CA VAL B 117 -14.46 34.34 -1.72
C VAL B 117 -15.92 34.40 -2.22
N LEU B 118 -16.82 33.70 -1.52
CA LEU B 118 -18.24 33.67 -1.88
C LEU B 118 -18.93 35.01 -1.69
N GLU B 119 -19.86 35.32 -2.58
CA GLU B 119 -20.57 36.60 -2.59
C GLU B 119 -22.09 36.40 -2.58
N GLU B 120 -22.80 37.44 -2.16
CA GLU B 120 -24.26 37.47 -2.18
C GLU B 120 -24.77 37.51 -3.61
N ASN B 121 -25.42 36.42 -4.01
CA ASN B 121 -26.06 36.31 -5.32
C ASN B 121 -27.49 36.85 -5.22
N PRO B 122 -27.75 37.99 -5.89
CA PRO B 122 -29.03 38.70 -5.76
C PRO B 122 -30.09 38.28 -6.78
N TYR B 123 -29.99 37.04 -7.24
CA TYR B 123 -30.94 36.46 -8.19
C TYR B 123 -31.63 35.24 -7.59
N LEU B 124 -31.36 35.00 -6.31
CA LEU B 124 -32.03 33.97 -5.53
C LEU B 124 -33.50 34.33 -5.28
N PRO B 125 -34.41 33.38 -5.58
CA PRO B 125 -35.86 33.62 -5.51
C PRO B 125 -36.43 33.67 -4.09
N LYS B 126 -37.12 32.59 -3.70
CA LYS B 126 -37.88 32.52 -2.45
C LYS B 126 -37.15 31.81 -1.31
N HIS B 127 -35.86 31.51 -1.53
CA HIS B 127 -35.05 30.85 -0.51
C HIS B 127 -33.97 31.79 0.05
N ASN B 131 -32.07 36.41 5.11
CA ASN B 131 -31.70 37.13 6.33
C ASN B 131 -31.07 36.19 7.36
N GLU B 132 -29.85 36.57 7.79
CA GLU B 132 -28.95 35.72 8.59
C GLU B 132 -28.64 34.37 7.92
N LYS B 133 -28.63 34.41 6.59
CA LYS B 133 -28.07 33.33 5.77
C LYS B 133 -26.60 33.66 5.54
N ASP B 134 -26.24 34.89 5.91
CA ASP B 134 -24.86 35.34 6.02
C ASP B 134 -24.16 34.64 7.18
N ARG B 135 -24.91 34.41 8.26
CA ARG B 135 -24.37 33.80 9.48
C ARG B 135 -24.26 32.28 9.42
N LEU B 136 -25.22 31.63 8.75
CA LEU B 136 -25.16 30.18 8.59
C LEU B 136 -24.12 29.71 7.59
N LEU B 137 -23.58 30.65 6.80
CA LEU B 137 -22.39 30.43 5.97
C LEU B 137 -21.16 30.07 6.82
N ALA B 138 -21.05 30.73 7.97
CA ALA B 138 -19.98 30.44 8.94
C ALA B 138 -20.26 29.15 9.70
N GLU B 139 -21.54 28.83 9.89
CA GLU B 139 -21.97 27.67 10.66
C GLU B 139 -21.77 26.34 9.94
N ARG B 140 -21.98 26.32 8.62
CA ARG B 140 -21.72 25.12 7.82
C ARG B 140 -20.27 25.07 7.36
N PHE B 141 -19.50 26.12 7.62
CA PHE B 141 -18.05 26.03 7.55
C PHE B 141 -17.54 25.24 8.75
N LEU B 142 -18.18 25.43 9.90
CA LEU B 142 -17.87 24.68 11.12
C LEU B 142 -18.26 23.20 10.91
N GLU B 143 -19.54 22.98 10.61
CA GLU B 143 -20.11 21.64 10.37
C GLU B 143 -19.31 20.74 9.43
N GLU B 144 -18.87 21.28 8.31
CA GLU B 144 -18.10 20.54 7.33
C GLU B 144 -16.67 20.24 7.78
N SER B 145 -16.03 21.22 8.42
CA SER B 145 -14.66 21.07 8.92
CA SER B 145 -14.66 21.06 8.91
C SER B 145 -14.60 20.11 10.11
N VAL B 146 -15.65 20.12 10.93
CA VAL B 146 -15.78 19.21 12.08
C VAL B 146 -15.93 17.78 11.56
N PHE B 147 -16.88 17.59 10.65
CA PHE B 147 -17.15 16.28 10.04
C PHE B 147 -15.92 15.74 9.30
N SER B 148 -15.28 16.57 8.50
CA SER B 148 -14.13 16.17 7.70
C SER B 148 -12.93 15.80 8.55
N PHE B 149 -12.72 16.53 9.65
CA PHE B 149 -11.66 16.20 10.62
C PHE B 149 -11.92 14.84 11.26
N ARG B 150 -13.15 14.62 11.68
CA ARG B 150 -13.55 13.36 12.31
C ARG B 150 -13.46 12.19 11.35
N ARG B 151 -13.80 12.42 10.08
CA ARG B 151 -13.68 11.42 9.03
C ARG B 151 -12.22 11.08 8.74
N GLU B 152 -11.37 12.11 8.67
CA GLU B 152 -9.92 11.95 8.45
C GLU B 152 -9.22 11.28 9.62
N ARG B 153 -9.70 11.56 10.84
CA ARG B 153 -9.14 10.97 12.05
C ARG B 153 -9.52 9.49 12.14
N LEU B 154 -10.80 9.19 11.96
CA LEU B 154 -11.30 7.80 11.94
C LEU B 154 -10.61 6.92 10.90
N LEU B 155 -10.39 7.49 9.71
CA LEU B 155 -9.66 6.81 8.63
C LEU B 155 -8.19 6.57 8.96
N LYS B 156 -7.59 7.48 9.73
CA LYS B 156 -6.21 7.35 10.18
C LYS B 156 -6.08 6.23 11.23
N GLN B 157 -7.04 6.18 12.14
CA GLN B 157 -7.07 5.18 13.22
C GLN B 157 -7.36 3.77 12.72
N ILE B 158 -8.15 3.67 11.64
CA ILE B 158 -8.45 2.39 10.98
C ILE B 158 -7.17 1.76 10.40
N ASP B 159 -6.39 2.59 9.70
CA ASP B 159 -5.12 2.15 9.10
C ASP B 159 -4.06 1.82 10.16
N GLU B 160 -4.16 2.46 11.31
CA GLU B 160 -3.32 2.14 12.47
C GLU B 160 -3.73 0.81 13.09
N ALA B 161 -5.03 0.55 13.14
CA ALA B 161 -5.58 -0.70 13.67
C ALA B 161 -5.28 -1.88 12.74
N LEU B 162 -5.22 -1.59 11.43
CA LEU B 162 -4.81 -2.58 10.44
C LEU B 162 -3.32 -2.86 10.52
N ASP B 163 -2.53 -1.82 10.82
CA ASP B 163 -1.08 -1.93 11.01
C ASP B 163 -0.72 -2.73 12.26
N LYS B 164 -1.43 -2.46 13.35
CA LYS B 164 -1.22 -3.13 14.63
C LYS B 164 -1.77 -4.56 14.65
N GLN B 165 -2.75 -4.81 13.77
CA GLN B 165 -3.57 -6.04 13.75
C GLN B 165 -4.47 -6.13 14.97
N ASP B 166 -5.36 -5.14 15.09
CA ASP B 166 -6.35 -5.10 16.14
C ASP B 166 -7.72 -5.19 15.46
N LYS B 167 -8.23 -6.41 15.33
CA LYS B 167 -9.50 -6.69 14.64
C LYS B 167 -10.69 -6.11 15.39
N GLU B 168 -10.62 -6.11 16.72
CA GLU B 168 -11.62 -5.49 17.58
C GLU B 168 -11.73 -3.98 17.35
N ALA B 169 -10.57 -3.34 17.18
CA ALA B 169 -10.51 -1.91 16.91
C ALA B 169 -10.96 -1.58 15.49
N PHE B 170 -10.62 -2.44 14.53
CA PHE B 170 -11.02 -2.26 13.13
C PHE B 170 -12.55 -2.20 13.02
N HIS B 171 -13.22 -3.20 13.57
CA HIS B 171 -14.68 -3.28 13.53
C HIS B 171 -15.37 -2.23 14.41
N ARG B 172 -14.67 -1.71 15.39
CA ARG B 172 -15.13 -0.58 16.20
C ARG B 172 -15.17 0.71 15.39
N LEU B 173 -14.01 1.06 14.82
CA LEU B 173 -13.82 2.31 14.09
C LEU B 173 -14.54 2.33 12.74
N THR B 174 -14.69 1.15 12.13
CA THR B 174 -15.46 1.01 10.88
C THR B 174 -16.96 1.24 11.15
N ALA B 175 -17.46 0.67 12.25
CA ALA B 175 -18.85 0.89 12.66
C ALA B 175 -19.09 2.31 13.18
N GLU B 176 -18.03 2.93 13.71
CA GLU B 176 -18.07 4.32 14.14
C GLU B 176 -18.19 5.30 12.97
N LEU B 177 -17.37 5.08 11.94
CA LEU B 177 -17.34 5.99 10.79
C LEU B 177 -18.61 5.83 9.94
N LYS B 178 -19.11 4.61 9.86
CA LYS B 178 -20.34 4.32 9.12
C LYS B 178 -21.50 5.13 9.69
N MET B 179 -21.55 5.24 11.01
CA MET B 179 -22.53 6.08 11.71
C MET B 179 -22.24 7.56 11.52
N LEU B 180 -20.95 7.92 11.53
CA LEU B 180 -20.50 9.30 11.43
C LEU B 180 -20.84 9.94 10.09
N GLU B 181 -20.72 9.16 9.02
CA GLU B 181 -21.08 9.62 7.68
C GLU B 181 -22.59 9.54 7.44
N GLY B 182 -23.23 8.53 8.03
CA GLY B 182 -24.67 8.34 7.91
C GLY B 182 -25.50 9.30 8.76
N HIS B 183 -24.85 10.35 9.25
CA HIS B 183 -25.47 11.38 10.07
C HIS B 183 -25.18 12.77 9.50
N HIS B 184 -24.70 12.80 8.26
CA HIS B 184 -24.29 14.04 7.61
C HIS B 184 -24.65 14.01 6.12
N PRO C 6 6.19 -36.51 9.39
CA PRO C 6 7.39 -36.04 10.08
C PRO C 6 7.31 -34.56 10.49
N VAL C 7 8.27 -33.76 10.03
CA VAL C 7 8.45 -32.39 10.51
C VAL C 7 7.77 -31.35 9.61
N SER C 8 7.04 -30.42 10.23
CA SER C 8 6.28 -29.39 9.53
C SER C 8 6.95 -28.01 9.52
N VAL C 9 6.39 -27.09 8.74
CA VAL C 9 6.91 -25.74 8.53
C VAL C 9 6.75 -24.87 9.78
N ASN C 10 5.55 -24.89 10.36
CA ASN C 10 5.20 -24.12 11.56
C ASN C 10 6.00 -24.58 12.78
N GLU C 11 6.35 -25.86 12.79
CA GLU C 11 7.19 -26.47 13.82
C GLU C 11 8.61 -25.91 13.77
N LYS C 12 9.11 -25.71 12.55
CA LYS C 12 10.44 -25.13 12.34
C LYS C 12 10.47 -23.64 12.60
N LYS C 13 9.45 -22.94 12.13
CA LYS C 13 9.29 -21.48 12.30
C LYS C 13 9.27 -21.07 13.78
N ASP C 14 8.46 -21.79 14.56
CA ASP C 14 8.28 -21.50 15.98
C ASP C 14 9.51 -21.89 16.80
N PHE C 15 10.26 -22.89 16.31
CA PHE C 15 11.51 -23.30 16.94
C PHE C 15 12.57 -22.20 16.82
N VAL C 16 12.70 -21.62 15.63
CA VAL C 16 13.64 -20.52 15.36
C VAL C 16 13.25 -19.28 16.18
N LYS C 17 11.95 -19.00 16.23
CA LYS C 17 11.40 -17.90 17.02
C LYS C 17 11.66 -18.10 18.52
N TRP C 18 11.56 -19.34 18.98
CA TRP C 18 11.87 -19.68 20.37
C TRP C 18 13.36 -19.56 20.66
N PHE C 19 14.19 -20.10 19.75
CA PHE C 19 15.64 -20.16 19.89
C PHE C 19 16.29 -18.78 20.01
N LEU C 20 15.81 -17.84 19.19
CA LEU C 20 16.33 -16.47 19.17
C LEU C 20 15.87 -15.64 20.38
N ASN C 21 14.79 -16.07 21.02
CA ASN C 21 14.25 -15.39 22.20
C ASN C 21 14.80 -15.93 23.53
N ASN C 22 15.58 -17.01 23.46
CA ASN C 22 16.13 -17.66 24.65
C ASN C 22 17.65 -17.78 24.63
N TYR C 23 18.22 -17.80 23.43
CA TYR C 23 19.67 -17.97 23.27
C TYR C 23 20.29 -16.84 22.46
N GLN C 24 21.44 -16.37 22.92
CA GLN C 24 22.18 -15.29 22.26
C GLN C 24 23.30 -15.87 21.40
N LEU C 25 23.17 -15.70 20.09
CA LEU C 25 24.18 -16.18 19.13
C LEU C 25 25.48 -15.39 19.23
N LYS C 26 26.60 -16.09 19.02
CA LYS C 26 27.93 -15.48 19.06
C LYS C 26 28.15 -14.43 17.99
N GLN C 27 27.68 -14.71 16.78
CA GLN C 27 27.80 -13.78 15.67
C GLN C 27 26.42 -13.21 15.32
N ARG C 28 26.37 -11.89 15.18
CA ARG C 28 25.13 -11.14 15.03
C ARG C 28 24.46 -11.31 13.66
N GLU C 29 25.26 -11.55 12.63
CA GLU C 29 24.75 -11.77 11.27
C GLU C 29 24.04 -13.11 11.10
N CYS C 30 24.32 -14.04 12.01
CA CYS C 30 23.67 -15.36 12.06
C CYS C 30 22.20 -15.26 12.53
N VAL C 31 21.93 -14.26 13.36
CA VAL C 31 20.57 -13.91 13.77
C VAL C 31 19.81 -13.43 12.54
N TRP C 32 20.50 -12.67 11.69
CA TRP C 32 19.91 -12.06 10.50
C TRP C 32 19.73 -13.08 9.39
N ILE C 33 20.56 -14.12 9.39
CA ILE C 33 20.39 -15.28 8.52
C ILE C 33 19.11 -16.02 8.91
N LEU C 34 18.93 -16.23 10.22
CA LEU C 34 17.74 -16.90 10.76
C LEU C 34 16.45 -16.10 10.59
N ASN C 35 16.52 -14.78 10.82
CA ASN C 35 15.37 -13.88 10.65
C ASN C 35 14.89 -13.81 9.20
N TYR C 36 15.84 -13.91 8.27
CA TYR C 36 15.57 -14.01 6.84
C TYR C 36 14.88 -15.34 6.52
N LEU C 37 15.38 -16.42 7.12
CA LEU C 37 14.85 -17.77 6.88
C LEU C 37 13.48 -17.97 7.53
N MET C 38 13.25 -17.30 8.66
CA MET C 38 11.97 -17.37 9.37
C MET C 38 10.90 -16.57 8.64
N SER C 39 11.32 -15.53 7.92
CA SER C 39 10.43 -14.74 7.07
C SER C 39 9.90 -15.62 5.93
N HIS C 40 10.83 -16.20 5.17
CA HIS C 40 10.50 -16.94 3.96
C HIS C 40 10.10 -18.39 4.26
N ASP C 41 8.80 -18.67 4.15
CA ASP C 41 8.26 -20.01 4.37
C ASP C 41 8.46 -20.95 3.18
N GLN C 42 8.89 -20.38 2.05
CA GLN C 42 9.30 -21.15 0.90
C GLN C 42 10.66 -21.79 1.18
N LEU C 43 11.50 -21.06 1.91
CA LEU C 43 12.78 -21.56 2.38
C LEU C 43 12.63 -22.57 3.50
N MET C 44 11.61 -22.37 4.33
CA MET C 44 11.42 -23.16 5.56
C MET C 44 11.03 -24.62 5.36
N HIS C 45 10.41 -24.98 4.23
CA HIS C 45 10.43 -26.39 3.87
C HIS C 45 11.41 -26.80 2.78
N LYS C 46 12.60 -26.24 2.93
CA LYS C 46 13.86 -26.71 2.35
C LYS C 46 14.92 -26.66 3.45
N VAL C 47 14.57 -26.05 4.58
CA VAL C 47 15.43 -25.98 5.77
C VAL C 47 15.29 -27.26 6.61
N HIS C 48 16.42 -27.84 7.00
CA HIS C 48 16.43 -29.02 7.86
C HIS C 48 17.36 -28.83 9.05
N PHE C 49 16.85 -29.15 10.25
CA PHE C 49 17.65 -29.07 11.47
C PHE C 49 18.31 -30.41 11.77
N VAL C 50 19.63 -30.37 11.95
CA VAL C 50 20.49 -31.53 11.74
C VAL C 50 21.57 -31.67 12.81
N GLU C 51 21.97 -32.91 13.09
CA GLU C 51 23.04 -33.21 14.04
C GLU C 51 24.42 -32.77 13.55
N HIS C 52 24.84 -33.28 12.40
CA HIS C 52 26.15 -32.97 11.82
C HIS C 52 26.00 -32.39 10.42
N ALA C 53 26.05 -31.07 10.34
CA ALA C 53 25.74 -30.35 9.10
C ALA C 53 26.93 -30.18 8.14
N LYS C 54 28.13 -30.52 8.58
CA LYS C 54 29.34 -30.37 7.77
C LYS C 54 29.45 -31.34 6.60
N TYR C 55 28.67 -32.42 6.65
CA TYR C 55 28.65 -33.46 5.61
C TYR C 55 27.66 -33.13 4.48
N CYS C 56 26.92 -32.03 4.65
CA CYS C 56 25.80 -31.68 3.78
C CYS C 56 26.22 -30.79 2.59
N PRO C 57 25.46 -30.85 1.47
CA PRO C 57 25.67 -29.98 0.29
C PRO C 57 25.62 -28.49 0.61
N ARG C 58 24.67 -28.09 1.45
CA ARG C 58 24.59 -26.73 1.97
C ARG C 58 24.43 -26.73 3.48
N GLY C 59 25.53 -26.98 4.17
CA GLY C 59 25.55 -27.07 5.62
C GLY C 59 25.82 -25.76 6.32
N LEU C 60 24.97 -25.44 7.30
CA LEU C 60 25.09 -24.21 8.06
C LEU C 60 25.36 -24.54 9.53
N VAL C 61 26.46 -24.01 10.08
CA VAL C 61 26.83 -24.25 11.47
C VAL C 61 26.88 -22.93 12.22
N MET C 62 26.05 -22.80 13.25
CA MET C 62 25.98 -21.58 14.06
C MET C 62 25.96 -21.89 15.55
N SER C 63 26.54 -21.01 16.35
CA SER C 63 26.71 -21.27 17.78
C SER C 63 26.32 -20.10 18.67
N ALA C 64 25.69 -20.43 19.80
CA ALA C 64 25.36 -19.45 20.83
C ALA C 64 26.58 -19.17 21.71
N ASN C 65 26.50 -18.11 22.51
CA ASN C 65 27.64 -17.65 23.33
C ASN C 65 27.91 -18.40 24.64
N CYS C 66 27.18 -19.49 24.86
CA CYS C 66 27.34 -20.33 26.05
C CYS C 66 28.41 -21.39 25.85
N VAL C 67 28.22 -22.25 24.85
CA VAL C 67 29.23 -23.26 24.50
C VAL C 67 30.34 -22.60 23.70
N LYS C 68 31.55 -23.15 23.80
CA LYS C 68 32.73 -22.59 23.15
C LYS C 68 32.96 -23.08 21.72
N ASP C 69 31.88 -23.45 21.02
CA ASP C 69 31.95 -23.81 19.61
C ASP C 69 32.12 -22.55 18.75
N THR C 70 32.68 -22.73 17.55
CA THR C 70 32.94 -21.65 16.61
C THR C 70 31.64 -20.99 16.12
N PRO C 71 31.60 -19.63 16.10
CA PRO C 71 30.42 -18.81 15.78
C PRO C 71 29.69 -19.14 14.46
N PHE C 72 30.42 -19.15 13.35
CA PHE C 72 29.80 -19.41 12.05
C PHE C 72 30.65 -20.27 11.10
N HIS C 73 29.96 -21.17 10.40
CA HIS C 73 30.52 -21.87 9.24
C HIS C 73 29.45 -22.12 8.17
N PHE C 74 29.88 -22.12 6.91
CA PHE C 74 29.01 -22.49 5.80
C PHE C 74 29.72 -23.49 4.88
N PHE C 75 29.10 -24.65 4.73
CA PHE C 75 29.68 -25.74 3.95
C PHE C 75 28.96 -25.95 2.62
N LYS C 76 29.44 -25.25 1.59
CA LYS C 76 29.03 -25.52 0.22
C LYS C 76 29.73 -26.80 -0.27
N GLN C 77 29.27 -27.32 -1.41
CA GLN C 77 29.79 -28.58 -1.98
C GLN C 77 31.31 -28.68 -2.11
N ASN C 78 31.97 -27.54 -2.35
CA ASN C 78 33.43 -27.49 -2.48
C ASN C 78 34.14 -26.64 -1.43
N VAL C 79 33.44 -25.68 -0.83
CA VAL C 79 34.06 -24.71 0.07
C VAL C 79 33.52 -24.69 1.50
N MET C 80 34.40 -24.36 2.44
CA MET C 80 34.05 -24.19 3.85
C MET C 80 34.34 -22.76 4.34
N THR C 81 33.46 -21.84 3.96
CA THR C 81 33.62 -20.42 4.29
C THR C 81 33.24 -20.10 5.74
N THR C 82 33.95 -19.13 6.31
CA THR C 82 33.70 -18.66 7.67
C THR C 82 33.02 -17.28 7.69
N ASP C 83 33.02 -16.62 6.55
CA ASP C 83 32.40 -15.30 6.41
C ASP C 83 30.89 -15.44 6.29
N ALA C 84 30.18 -14.81 7.23
CA ALA C 84 28.72 -14.90 7.29
C ALA C 84 28.03 -14.06 6.22
N GLU C 85 28.59 -12.89 5.94
CA GLU C 85 28.01 -11.93 4.99
C GLU C 85 27.99 -12.45 3.55
N LYS C 86 29.09 -13.09 3.14
CA LYS C 86 29.19 -13.69 1.81
C LYS C 86 28.31 -14.93 1.70
N SER C 87 28.16 -15.64 2.81
CA SER C 87 27.28 -16.81 2.89
C SER C 87 25.81 -16.40 2.96
N PHE C 88 25.54 -15.26 3.60
CA PHE C 88 24.19 -14.69 3.69
C PHE C 88 23.75 -14.19 2.31
N HIS C 89 24.67 -13.51 1.62
CA HIS C 89 24.45 -13.07 0.24
C HIS C 89 24.41 -14.26 -0.74
N ASP C 90 25.07 -15.36 -0.38
CA ASP C 90 25.04 -16.59 -1.16
C ASP C 90 23.66 -17.26 -1.10
N ILE C 91 23.17 -17.54 0.12
CA ILE C 91 21.88 -18.22 0.32
C ILE C 91 20.67 -17.33 -0.03
N ARG C 92 20.91 -16.03 -0.12
CA ARG C 92 19.92 -15.10 -0.64
C ARG C 92 19.53 -15.47 -2.07
N LEU C 93 20.51 -15.93 -2.83
CA LEU C 93 20.41 -15.95 -4.29
C LEU C 93 20.04 -17.34 -4.81
N ASN C 94 20.09 -18.33 -3.92
CA ASN C 94 20.40 -19.70 -4.31
C ASN C 94 19.15 -20.58 -4.31
N ARG C 95 18.02 -20.01 -4.71
CA ARG C 95 16.91 -19.78 -3.78
C ARG C 95 16.12 -21.07 -3.55
N ASP C 96 16.70 -22.20 -3.94
CA ASP C 96 15.92 -23.34 -4.38
C ASP C 96 16.60 -24.65 -3.99
N GLU C 97 17.70 -24.54 -3.25
CA GLU C 97 18.37 -25.72 -2.69
C GLU C 97 18.04 -25.94 -1.22
N ASP C 98 18.19 -27.17 -0.77
CA ASP C 98 17.99 -27.54 0.63
C ASP C 98 19.13 -27.06 1.51
N ILE C 99 18.79 -26.36 2.59
CA ILE C 99 19.78 -25.91 3.56
C ILE C 99 19.71 -26.78 4.81
N TYR C 100 20.88 -27.14 5.35
CA TYR C 100 20.97 -27.97 6.54
C TYR C 100 21.65 -27.20 7.67
N ILE C 101 20.88 -26.85 8.71
CA ILE C 101 21.38 -26.02 9.80
C ILE C 101 21.57 -26.81 11.09
N GLN C 102 22.71 -26.63 11.73
CA GLN C 102 22.92 -27.10 13.11
C GLN C 102 23.17 -25.93 14.06
N LEU C 103 22.60 -26.02 15.25
CA LEU C 103 22.77 -24.99 16.28
C LEU C 103 23.48 -25.55 17.50
N ASN C 104 24.48 -24.81 17.97
CA ASN C 104 25.22 -25.19 19.17
C ASN C 104 24.84 -24.28 20.35
N PHE C 105 24.05 -24.83 21.26
CA PHE C 105 23.60 -24.10 22.46
C PHE C 105 23.60 -25.00 23.70
N LYS C 106 23.81 -24.39 24.87
CA LYS C 106 24.19 -25.08 26.13
C LYS C 106 23.45 -26.37 26.45
N SER C 107 22.15 -26.25 26.68
CA SER C 107 21.31 -27.37 27.08
C SER C 107 21.09 -28.36 25.95
N SER C 108 20.74 -27.83 24.77
CA SER C 108 20.44 -28.61 23.56
C SER C 108 19.42 -29.73 23.76
N PHE C 109 19.93 -30.91 24.14
CA PHE C 109 19.11 -32.10 24.34
C PHE C 109 18.36 -32.14 25.69
N GLN C 110 18.18 -30.97 26.29
CA GLN C 110 17.31 -30.80 27.44
C GLN C 110 15.94 -30.32 26.94
N ASN C 111 15.94 -29.74 25.74
CA ASN C 111 14.73 -29.16 25.16
C ASN C 111 14.06 -30.09 24.15
N ALA C 112 12.84 -30.49 24.48
CA ALA C 112 12.05 -31.46 23.72
C ALA C 112 11.73 -31.01 22.29
N ASN C 113 11.46 -29.72 22.14
CA ASN C 113 11.15 -29.10 20.84
C ASN C 113 12.31 -29.08 19.86
N TYR C 114 13.52 -28.96 20.38
CA TYR C 114 14.74 -29.04 19.57
C TYR C 114 14.98 -30.49 19.10
N VAL C 115 14.71 -31.44 20.00
CA VAL C 115 14.81 -32.87 19.68
C VAL C 115 13.73 -33.27 18.66
N ALA C 116 12.55 -32.66 18.78
CA ALA C 116 11.44 -32.90 17.85
C ALA C 116 11.67 -32.30 16.46
N VAL C 117 12.42 -31.19 16.40
CA VAL C 117 12.68 -30.51 15.13
C VAL C 117 13.84 -31.14 14.34
N LEU C 118 14.63 -31.97 15.02
CA LEU C 118 15.79 -32.63 14.42
C LEU C 118 15.40 -33.67 13.39
N GLU C 119 16.19 -33.74 12.31
CA GLU C 119 15.92 -34.61 11.18
C GLU C 119 17.10 -35.52 10.85
N GLU C 120 16.79 -36.67 10.26
CA GLU C 120 17.79 -37.61 9.76
C GLU C 120 18.56 -37.02 8.59
N ASN C 121 19.82 -36.66 8.81
CA ASN C 121 20.67 -36.23 7.70
C ASN C 121 21.30 -37.46 7.05
N PRO C 122 21.06 -37.62 5.73
CA PRO C 122 21.48 -38.81 4.99
C PRO C 122 22.87 -38.68 4.38
N TYR C 123 23.77 -37.98 5.08
CA TYR C 123 25.13 -37.77 4.62
C TYR C 123 26.14 -38.20 5.68
N LEU C 124 25.62 -38.75 6.77
CA LEU C 124 26.44 -39.42 7.78
C LEU C 124 27.08 -40.67 7.19
N PRO C 125 28.40 -40.82 7.38
CA PRO C 125 29.12 -41.98 6.84
C PRO C 125 28.89 -43.28 7.61
N LYS C 126 29.93 -43.79 8.29
CA LYS C 126 29.88 -45.12 8.88
C LYS C 126 29.61 -45.10 10.40
N HIS C 127 28.75 -44.18 10.83
CA HIS C 127 28.38 -44.09 12.25
C HIS C 127 26.87 -43.94 12.41
N ARG C 135 16.15 -43.55 17.54
CA ARG C 135 15.45 -44.01 18.73
C ARG C 135 16.29 -43.84 19.99
N LEU C 136 17.61 -43.84 19.82
CA LEU C 136 18.55 -43.46 20.87
C LEU C 136 18.46 -41.96 21.12
N LEU C 137 17.94 -41.24 20.12
CA LEU C 137 17.60 -39.81 20.20
C LEU C 137 16.65 -39.47 21.35
N ALA C 138 15.67 -40.35 21.57
CA ALA C 138 14.75 -40.23 22.70
C ALA C 138 15.45 -40.55 24.03
N GLU C 139 16.50 -41.37 23.96
CA GLU C 139 17.26 -41.77 25.15
C GLU C 139 18.33 -40.76 25.56
N ARG C 140 18.82 -39.95 24.60
CA ARG C 140 19.75 -38.86 24.93
C ARG C 140 19.01 -37.74 25.65
N PHE C 141 17.75 -37.53 25.24
CA PHE C 141 16.88 -36.54 25.85
C PHE C 141 16.52 -36.89 27.30
N LEU C 142 16.30 -38.18 27.57
CA LEU C 142 16.05 -38.66 28.92
C LEU C 142 17.30 -38.53 29.78
N GLU C 143 18.43 -38.99 29.23
CA GLU C 143 19.75 -38.91 29.86
C GLU C 143 20.15 -37.52 30.32
N GLU C 144 19.97 -36.53 29.44
CA GLU C 144 20.34 -35.15 29.70
C GLU C 144 19.35 -34.44 30.64
N SER C 145 18.07 -34.82 30.55
CA SER C 145 17.04 -34.24 31.41
C SER C 145 17.10 -34.77 32.85
N VAL C 146 17.62 -35.99 33.00
CA VAL C 146 17.91 -36.56 34.32
C VAL C 146 19.04 -35.76 34.97
N PHE C 147 20.11 -35.52 34.19
CA PHE C 147 21.31 -34.81 34.66
C PHE C 147 21.03 -33.37 35.10
N SER C 148 20.43 -32.58 34.21
CA SER C 148 20.20 -31.15 34.43
C SER C 148 19.14 -30.84 35.49
N PHE C 149 18.45 -31.88 35.98
CA PHE C 149 17.48 -31.74 37.06
C PHE C 149 18.15 -31.90 38.43
N ARG C 150 18.96 -32.95 38.58
CA ARG C 150 19.70 -33.18 39.83
C ARG C 150 20.87 -32.21 40.01
N ARG C 151 21.16 -31.44 38.97
CA ARG C 151 22.10 -30.34 39.01
C ARG C 151 21.46 -29.11 39.67
N GLU C 152 20.25 -28.77 39.22
CA GLU C 152 19.47 -27.66 39.78
C GLU C 152 18.92 -27.98 41.17
N ARG C 153 18.86 -29.28 41.47
CA ARG C 153 18.53 -29.80 42.79
C ARG C 153 19.60 -29.39 43.79
N LEU C 154 20.85 -29.68 43.44
CA LEU C 154 21.99 -29.46 44.33
C LEU C 154 22.35 -28.00 44.56
N LEU C 155 22.05 -27.15 43.57
CA LEU C 155 22.26 -25.71 43.71
C LEU C 155 21.25 -25.06 44.66
N LYS C 156 20.01 -25.55 44.63
CA LYS C 156 18.96 -25.05 45.53
C LYS C 156 19.11 -25.62 46.94
N GLN C 157 19.77 -26.77 47.03
CA GLN C 157 20.13 -27.36 48.31
C GLN C 157 21.29 -26.59 48.96
N ILE C 158 22.29 -26.24 48.15
CA ILE C 158 23.45 -25.44 48.59
C ILE C 158 23.00 -24.04 49.07
N ASP C 159 22.12 -23.42 48.30
CA ASP C 159 21.67 -22.06 48.58
C ASP C 159 20.64 -21.91 49.68
N GLU C 160 19.99 -23.02 50.05
CA GLU C 160 19.12 -23.00 51.23
C GLU C 160 19.77 -23.75 52.39
N ALA C 161 21.08 -23.93 52.26
CA ALA C 161 21.95 -24.35 53.35
C ALA C 161 22.92 -23.21 53.68
N LEU C 162 23.14 -22.34 52.70
CA LEU C 162 23.94 -21.13 52.89
C LEU C 162 23.12 -19.99 53.51
N ASP C 163 21.94 -19.75 52.94
CA ASP C 163 20.98 -18.76 53.43
C ASP C 163 20.49 -19.16 54.84
N LYS C 164 20.38 -20.46 55.06
CA LYS C 164 20.02 -21.03 56.35
C LYS C 164 21.22 -21.04 57.31
N GLN C 165 22.43 -20.95 56.76
CA GLN C 165 23.72 -21.15 57.46
C GLN C 165 23.84 -22.56 58.05
N ASP C 166 24.36 -23.47 57.22
CA ASP C 166 24.50 -24.88 57.59
C ASP C 166 25.79 -25.43 56.95
N LYS C 167 26.87 -25.41 57.73
CA LYS C 167 28.20 -25.82 57.26
C LYS C 167 28.32 -27.34 57.17
N GLU C 168 27.49 -28.04 57.96
CA GLU C 168 27.31 -29.49 57.85
C GLU C 168 26.84 -29.87 56.45
N ALA C 169 25.86 -29.11 55.95
CA ALA C 169 25.26 -29.36 54.66
C ALA C 169 26.11 -28.87 53.48
N PHE C 170 26.77 -27.72 53.64
CA PHE C 170 27.49 -27.08 52.53
C PHE C 170 28.53 -27.99 51.86
N HIS C 171 29.49 -28.48 52.65
CA HIS C 171 30.55 -29.35 52.14
C HIS C 171 30.04 -30.74 51.75
N ARG C 172 28.91 -31.13 52.34
CA ARG C 172 28.19 -32.33 51.93
C ARG C 172 27.56 -32.18 50.55
N LEU C 173 26.98 -31.01 50.27
CA LEU C 173 26.28 -30.75 49.02
C LEU C 173 27.17 -30.19 47.90
N THR C 174 28.33 -29.63 48.28
CA THR C 174 29.33 -29.20 47.31
C THR C 174 30.06 -30.43 46.75
N ALA C 175 30.29 -31.42 47.61
CA ALA C 175 30.87 -32.69 47.18
C ALA C 175 29.79 -33.71 46.77
N GLU C 176 28.83 -33.24 45.98
CA GLU C 176 27.76 -34.07 45.43
C GLU C 176 27.42 -33.63 44.01
#